data_2WQF
#
_entry.id   2WQF
#
_cell.length_a   53.843
_cell.length_b   120.147
_cell.length_c   68.659
_cell.angle_alpha   90.00
_cell.angle_beta   90.00
_cell.angle_gamma   90.00
#
_symmetry.space_group_name_H-M   'C 2 2 21'
#
loop_
_entity.id
_entity.type
_entity.pdbx_description
1 polymer 'COPPER INDUCED NITROREDUCTASE D'
2 non-polymer 'FLAVIN MONONUCLEOTIDE'
3 water water
#
_entity_poly.entity_id   1
_entity_poly.type   'polypeptide(L)'
_entity_poly.pdbx_seq_one_letter_code
;MSFIKSLENRRTIYALGRNVQDEEKVIETIKEAVRFSPTAFNSQTGRLLILTGDAQDKLWDEIVAPELKAAMEAQGVPES
AWDNTRAKLDGFKAAFGTILFFEDQAVVKNLQEQFALYADNFPVWSEQGSGIISVNVWTALAELGLGANLQHYNPLIDEA
VAKEWNLPESWKLRGQLVFGSIEAPAGEKTFMDDADRFIVAK
;
_entity_poly.pdbx_strand_id   A
#
# COMPACT_ATOMS: atom_id res chain seq x y z
N SER A 2 4.55 8.77 21.34
CA SER A 2 5.78 8.11 20.97
C SER A 2 5.66 7.42 19.57
N PHE A 3 6.77 6.96 19.07
CA PHE A 3 6.81 6.14 17.86
C PHE A 3 6.04 4.83 18.07
N ILE A 4 6.25 4.18 19.21
CA ILE A 4 5.58 2.90 19.47
C ILE A 4 4.06 3.12 19.51
N LYS A 5 3.63 4.20 20.12
CA LYS A 5 2.22 4.58 20.13
C LYS A 5 1.69 4.78 18.71
N SER A 6 2.48 5.38 17.84
CA SER A 6 2.06 5.57 16.44
C SER A 6 1.87 4.21 15.79
N LEU A 7 2.79 3.28 16.06
CA LEU A 7 2.66 1.93 15.50
C LEU A 7 1.40 1.25 16.00
N GLU A 8 1.16 1.35 17.31
CA GLU A 8 0.01 0.72 17.92
C GLU A 8 -1.30 1.29 17.37
N ASN A 9 -1.29 2.57 17.00
CA ASN A 9 -2.50 3.24 16.54
CA ASN A 9 -2.49 3.26 16.53
C ASN A 9 -2.90 2.88 15.10
N ARG A 10 -1.95 2.38 14.32
CA ARG A 10 -2.20 1.93 12.96
C ARG A 10 -2.93 0.58 13.04
N ARG A 11 -4.11 0.52 12.45
CA ARG A 11 -4.91 -0.71 12.40
C ARG A 11 -5.59 -0.85 11.04
N THR A 12 -6.01 -2.08 10.75
CA THR A 12 -6.88 -2.35 9.62
C THR A 12 -8.28 -1.85 9.93
N ILE A 13 -8.72 -0.89 9.12
CA ILE A 13 -10.06 -0.34 9.20
C ILE A 13 -10.78 -0.60 7.90
N TYR A 14 -11.84 -1.39 7.97
CA TYR A 14 -12.62 -1.72 6.79
C TYR A 14 -13.75 -0.73 6.53
N ALA A 15 -14.27 -0.11 7.59
CA ALA A 15 -15.39 0.82 7.47
C ALA A 15 -14.84 2.21 7.28
N LEU A 16 -14.77 2.61 6.02
CA LEU A 16 -14.11 3.86 5.63
C LEU A 16 -15.07 4.78 4.89
N GLY A 17 -14.90 6.08 5.10
CA GLY A 17 -15.71 7.07 4.42
C GLY A 17 -14.87 8.17 3.81
N ARG A 18 -15.54 9.29 3.47
CA ARG A 18 -14.89 10.35 2.72
C ARG A 18 -14.83 11.67 3.50
N ASN A 19 -14.94 11.58 4.82
CA ASN A 19 -14.89 12.75 5.69
C ASN A 19 -13.44 13.15 5.95
N VAL A 20 -12.79 13.61 4.89
CA VAL A 20 -11.37 13.94 4.89
C VAL A 20 -11.22 15.42 4.71
N GLN A 21 -10.61 16.07 5.69
CA GLN A 21 -10.61 17.53 5.78
C GLN A 21 -9.61 18.23 4.88
N ASP A 22 -8.44 17.64 4.70
CA ASP A 22 -7.34 18.33 4.04
C ASP A 22 -6.60 17.33 3.14
N GLU A 23 -7.10 17.17 1.93
CA GLU A 23 -6.54 16.22 0.99
C GLU A 23 -5.07 16.54 0.63
N GLU A 24 -4.73 17.81 0.52
CA GLU A 24 -3.36 18.20 0.20
C GLU A 24 -2.41 17.71 1.29
N LYS A 25 -2.81 17.83 2.55
CA LYS A 25 -1.97 17.36 3.66
C LYS A 25 -1.82 15.87 3.61
N VAL A 26 -2.89 15.18 3.26
CA VAL A 26 -2.82 13.74 3.12
C VAL A 26 -1.79 13.34 2.05
N ILE A 27 -1.85 13.98 0.89
CA ILE A 27 -0.93 13.68 -0.21
C ILE A 27 0.52 13.96 0.22
N GLU A 28 0.72 15.10 0.90
CA GLU A 28 2.05 15.48 1.39
CA GLU A 28 2.04 15.48 1.39
C GLU A 28 2.59 14.43 2.33
N THR A 29 1.73 13.92 3.21
CA THR A 29 2.14 12.94 4.20
C THR A 29 2.49 11.60 3.56
N ILE A 30 1.69 11.20 2.58
CA ILE A 30 1.97 9.97 1.84
C ILE A 30 3.36 10.05 1.22
N LYS A 31 3.63 11.16 0.53
CA LYS A 31 4.91 11.34 -0.15
C LYS A 31 6.06 11.31 0.88
N GLU A 32 5.90 12.01 2.00
CA GLU A 32 6.96 12.02 3.00
C GLU A 32 7.23 10.63 3.57
N ALA A 33 6.17 9.87 3.82
CA ALA A 33 6.34 8.54 4.40
C ALA A 33 7.16 7.65 3.47
N VAL A 34 6.91 7.74 2.17
CA VAL A 34 7.69 6.99 1.18
C VAL A 34 9.13 7.55 1.08
N ARG A 35 9.23 8.88 1.05
CA ARG A 35 10.54 9.55 0.89
C ARG A 35 11.53 9.12 1.96
N PHE A 36 11.06 9.04 3.20
CA PHE A 36 11.92 8.73 4.33
C PHE A 36 12.01 7.27 4.70
N SER A 37 11.54 6.41 3.81
CA SER A 37 11.68 4.96 3.97
C SER A 37 13.00 4.49 3.35
N PRO A 38 13.71 3.61 4.05
CA PRO A 38 14.97 3.05 3.50
C PRO A 38 14.69 1.96 2.44
N THR A 39 15.59 1.88 1.47
CA THR A 39 15.58 0.86 0.44
C THR A 39 17.01 0.44 0.19
N ALA A 40 17.21 -0.80 -0.25
CA ALA A 40 18.56 -1.31 -0.47
C ALA A 40 19.30 -0.38 -1.44
N PHE A 41 20.51 0.00 -1.05
CA PHE A 41 21.38 0.85 -1.88
C PHE A 41 20.71 2.16 -2.29
N ASN A 42 19.76 2.61 -1.46
CA ASN A 42 19.00 3.82 -1.76
C ASN A 42 18.38 3.76 -3.14
N SER A 43 17.94 2.57 -3.53
CA SER A 43 17.42 2.33 -4.88
C SER A 43 16.04 2.90 -5.10
N GLN A 44 15.29 3.16 -4.02
CA GLN A 44 14.00 3.84 -4.13
C GLN A 44 13.13 3.29 -5.26
N THR A 45 12.86 1.98 -5.17
CA THR A 45 12.14 1.30 -6.23
C THR A 45 10.62 1.42 -6.16
N GLY A 46 10.10 1.97 -5.07
CA GLY A 46 8.67 2.11 -4.90
C GLY A 46 8.08 3.17 -5.81
N ARG A 47 6.90 2.89 -6.35
CA ARG A 47 6.15 3.84 -7.18
C ARG A 47 4.72 3.83 -6.68
N LEU A 48 4.07 5.00 -6.65
CA LEU A 48 2.69 5.10 -6.16
C LEU A 48 1.78 5.74 -7.18
N LEU A 49 0.60 5.17 -7.30
CA LEU A 49 -0.54 5.81 -7.94
C LEU A 49 -1.58 6.08 -6.86
N ILE A 50 -1.89 7.35 -6.63
CA ILE A 50 -2.80 7.77 -5.58
C ILE A 50 -4.09 8.25 -6.22
N LEU A 51 -5.18 7.52 -5.97
CA LEU A 51 -6.46 7.81 -6.59
C LEU A 51 -7.48 8.31 -5.56
N THR A 52 -8.16 9.39 -5.91
CA THR A 52 -9.26 9.90 -5.10
C THR A 52 -10.41 10.28 -6.04
N GLY A 53 -11.54 10.65 -5.47
CA GLY A 53 -12.65 11.16 -6.27
C GLY A 53 -13.10 10.22 -7.36
N ASP A 54 -13.26 10.77 -8.56
CA ASP A 54 -13.73 9.99 -9.71
C ASP A 54 -12.83 8.81 -10.01
N ALA A 55 -11.51 8.97 -9.80
CA ALA A 55 -10.57 7.89 -10.08
C ALA A 55 -10.75 6.74 -9.10
N GLN A 56 -11.07 7.09 -7.86
CA GLN A 56 -11.35 6.10 -6.82
C GLN A 56 -12.62 5.29 -7.21
N ASP A 57 -13.66 6.00 -7.63
CA ASP A 57 -14.88 5.31 -8.09
C ASP A 57 -14.59 4.41 -9.31
N LYS A 58 -13.77 4.90 -10.24
CA LYS A 58 -13.47 4.17 -11.48
C LYS A 58 -12.70 2.89 -11.20
N LEU A 59 -11.72 2.96 -10.31
CA LEU A 59 -10.92 1.79 -9.98
C LEU A 59 -11.83 0.64 -9.54
N TRP A 60 -12.71 0.93 -8.60
CA TRP A 60 -13.50 -0.15 -8.01
C TRP A 60 -14.67 -0.60 -8.91
N ASP A 61 -15.35 0.35 -9.54
CA ASP A 61 -16.53 0.01 -10.32
C ASP A 61 -16.19 -0.52 -11.70
N GLU A 62 -15.16 0.05 -12.31
CA GLU A 62 -14.89 -0.19 -13.71
C GLU A 62 -13.71 -1.11 -13.93
N ILE A 63 -12.89 -1.32 -12.91
CA ILE A 63 -11.77 -2.23 -13.02
C ILE A 63 -11.85 -3.42 -12.08
N VAL A 64 -11.88 -3.20 -10.77
CA VAL A 64 -11.81 -4.34 -9.86
C VAL A 64 -13.03 -5.25 -9.98
N ALA A 65 -14.23 -4.67 -9.93
CA ALA A 65 -15.46 -5.46 -9.99
C ALA A 65 -15.55 -6.33 -11.26
N PRO A 66 -15.39 -5.71 -12.44
CA PRO A 66 -15.46 -6.54 -13.66
C PRO A 66 -14.34 -7.60 -13.76
N GLU A 67 -13.12 -7.26 -13.36
CA GLU A 67 -12.01 -8.21 -13.43
C GLU A 67 -12.24 -9.39 -12.48
N LEU A 68 -12.78 -9.09 -11.30
CA LEU A 68 -13.09 -10.11 -10.32
C LEU A 68 -14.23 -11.01 -10.81
N LYS A 69 -15.27 -10.41 -11.38
CA LYS A 69 -16.41 -11.18 -11.88
C LYS A 69 -15.97 -12.10 -13.01
N ALA A 70 -15.16 -11.56 -13.92
CA ALA A 70 -14.70 -12.34 -15.06
C ALA A 70 -13.84 -13.49 -14.56
N ALA A 71 -13.01 -13.22 -13.56
CA ALA A 71 -12.12 -14.23 -13.00
C ALA A 71 -12.89 -15.32 -12.24
N MET A 72 -14.05 -14.95 -11.67
CA MET A 72 -14.85 -15.89 -10.90
C MET A 72 -15.59 -16.85 -11.83
N GLU A 73 -16.09 -16.33 -12.95
CA GLU A 73 -16.79 -17.13 -13.93
C GLU A 73 -15.92 -18.28 -14.42
N ALA A 74 -14.61 -18.14 -14.24
CA ALA A 74 -13.67 -19.18 -14.64
C ALA A 74 -13.37 -20.13 -13.48
N ALA A 87 -20.71 -5.57 -2.50
CA ALA A 87 -20.51 -6.15 -1.18
C ALA A 87 -19.28 -5.53 -0.52
N LYS A 88 -18.22 -6.32 -0.39
CA LYS A 88 -16.97 -5.80 0.13
C LYS A 88 -16.43 -4.77 -0.81
N LEU A 89 -16.67 -4.99 -2.11
CA LEU A 89 -16.16 -4.06 -3.11
C LEU A 89 -16.77 -2.69 -2.87
N ASP A 90 -18.05 -2.63 -2.49
CA ASP A 90 -18.68 -1.34 -2.20
C ASP A 90 -18.01 -0.65 -1.01
N GLY A 91 -17.58 -1.44 -0.03
CA GLY A 91 -16.91 -0.89 1.12
C GLY A 91 -15.56 -0.29 0.74
N PHE A 92 -14.90 -0.89 -0.25
CA PHE A 92 -13.62 -0.32 -0.70
C PHE A 92 -13.89 0.94 -1.49
N LYS A 93 -14.89 0.91 -2.37
CA LYS A 93 -15.26 2.10 -3.15
C LYS A 93 -15.66 3.29 -2.28
N ALA A 94 -16.41 3.02 -1.20
CA ALA A 94 -16.90 4.05 -0.31
C ALA A 94 -15.80 4.86 0.38
N ALA A 95 -14.56 4.33 0.39
CA ALA A 95 -13.43 5.03 0.97
C ALA A 95 -13.09 6.30 0.18
N PHE A 96 -12.24 7.14 0.75
CA PHE A 96 -11.83 8.38 0.08
C PHE A 96 -10.90 8.13 -1.10
N GLY A 97 -10.02 7.14 -0.97
CA GLY A 97 -9.06 6.88 -2.02
C GLY A 97 -8.38 5.54 -1.90
N THR A 98 -7.51 5.27 -2.87
CA THR A 98 -6.72 4.03 -2.92
C THR A 98 -5.30 4.42 -3.35
N ILE A 99 -4.32 3.94 -2.60
CA ILE A 99 -2.92 4.11 -2.96
C ILE A 99 -2.39 2.79 -3.50
N LEU A 100 -2.06 2.76 -4.78
CA LEU A 100 -1.51 1.55 -5.41
C LEU A 100 0.01 1.63 -5.39
N PHE A 101 0.59 0.63 -4.73
CA PHE A 101 2.02 0.49 -4.58
C PHE A 101 2.59 -0.43 -5.60
N PHE A 102 3.63 0.04 -6.31
CA PHE A 102 4.32 -0.73 -7.32
C PHE A 102 5.81 -0.76 -7.00
N GLU A 103 6.52 -1.73 -7.57
CA GLU A 103 7.98 -1.76 -7.52
C GLU A 103 8.49 -1.67 -8.95
N ASP A 104 9.43 -0.78 -9.19
CA ASP A 104 9.95 -0.55 -10.54
C ASP A 104 10.97 -1.64 -10.94
N GLN A 105 10.52 -2.53 -11.80
CA GLN A 105 11.34 -3.66 -12.24
C GLN A 105 12.51 -3.25 -13.12
N ALA A 106 12.41 -2.09 -13.75
CA ALA A 106 13.52 -1.62 -14.57
C ALA A 106 14.74 -1.26 -13.70
N VAL A 107 14.48 -0.68 -12.54
CA VAL A 107 15.54 -0.39 -11.59
C VAL A 107 16.10 -1.68 -11.00
N VAL A 108 15.21 -2.60 -10.59
CA VAL A 108 15.68 -3.87 -10.07
C VAL A 108 16.61 -4.55 -11.06
N LYS A 109 16.19 -4.61 -12.31
CA LYS A 109 16.97 -5.27 -13.36
C LYS A 109 18.32 -4.56 -13.56
N ASN A 110 18.30 -3.23 -13.53
CA ASN A 110 19.53 -2.46 -13.67
C ASN A 110 20.53 -2.76 -12.55
N LEU A 111 20.02 -2.88 -11.33
CA LEU A 111 20.85 -3.18 -10.17
C LEU A 111 21.44 -4.59 -10.31
N GLN A 112 20.61 -5.52 -10.77
CA GLN A 112 21.07 -6.89 -10.99
C GLN A 112 22.23 -6.94 -11.99
N GLU A 113 22.19 -6.08 -13.00
CA GLU A 113 23.21 -6.00 -14.04
C GLU A 113 24.48 -5.32 -13.56
N GLN A 114 24.32 -4.28 -12.72
CA GLN A 114 25.45 -3.49 -12.26
C GLN A 114 26.22 -4.23 -11.18
N PHE A 115 25.49 -4.96 -10.34
CA PHE A 115 26.06 -5.72 -9.25
C PHE A 115 25.60 -7.17 -9.34
N ALA A 116 26.09 -7.88 -10.36
CA ALA A 116 25.68 -9.26 -10.61
C ALA A 116 25.92 -10.15 -9.40
N LEU A 117 26.83 -9.71 -8.53
CA LEU A 117 27.13 -10.42 -7.29
C LEU A 117 25.90 -10.56 -6.40
N TYR A 118 25.01 -9.58 -6.49
CA TYR A 118 23.83 -9.54 -5.66
C TYR A 118 22.53 -9.63 -6.46
N ALA A 119 22.60 -10.17 -7.67
CA ALA A 119 21.44 -10.17 -8.57
C ALA A 119 20.22 -10.83 -7.90
N ASP A 120 20.47 -11.88 -7.13
CA ASP A 120 19.38 -12.63 -6.49
C ASP A 120 18.74 -11.85 -5.34
N ASN A 121 19.52 -10.94 -4.75
CA ASN A 121 19.07 -10.17 -3.60
C ASN A 121 18.11 -9.04 -3.96
N PHE A 122 18.32 -8.39 -5.10
CA PHE A 122 17.56 -7.20 -5.40
C PHE A 122 16.03 -7.42 -5.45
N PRO A 123 15.57 -8.53 -6.10
CA PRO A 123 14.11 -8.78 -6.08
C PRO A 123 13.59 -8.94 -4.64
N VAL A 124 14.36 -9.61 -3.79
CA VAL A 124 13.99 -9.80 -2.39
C VAL A 124 13.91 -8.47 -1.66
N TRP A 125 14.94 -7.65 -1.82
CA TRP A 125 15.00 -6.37 -1.12
C TRP A 125 13.92 -5.44 -1.66
N SER A 126 13.57 -5.57 -2.93
CA SER A 126 12.52 -4.75 -3.50
C SER A 126 11.15 -5.14 -2.88
N GLU A 127 10.92 -6.43 -2.70
CA GLU A 127 9.69 -6.92 -2.04
C GLU A 127 9.62 -6.40 -0.59
N GLN A 128 10.74 -6.50 0.11
CA GLN A 128 10.83 -5.96 1.46
C GLN A 128 10.53 -4.46 1.44
N GLY A 129 11.11 -3.77 0.45
CA GLY A 129 10.89 -2.34 0.25
C GLY A 129 9.42 -1.98 0.09
N SER A 130 8.68 -2.82 -0.63
CA SER A 130 7.27 -2.60 -0.84
C SER A 130 6.51 -2.68 0.49
N GLY A 131 6.86 -3.67 1.30
CA GLY A 131 6.25 -3.79 2.63
C GLY A 131 6.56 -2.55 3.48
N ILE A 132 7.82 -2.14 3.44
CA ILE A 132 8.30 -0.99 4.21
C ILE A 132 7.50 0.27 3.87
N ILE A 133 7.40 0.62 2.60
CA ILE A 133 6.73 1.89 2.27
C ILE A 133 5.22 1.79 2.48
N SER A 134 4.66 0.59 2.31
CA SER A 134 3.23 0.40 2.52
C SER A 134 2.85 0.67 3.98
N VAL A 135 3.61 0.12 4.93
CA VAL A 135 3.26 0.28 6.36
CA VAL A 135 3.29 0.27 6.35
C VAL A 135 3.62 1.67 6.84
N ASN A 136 4.68 2.27 6.28
CA ASN A 136 5.01 3.62 6.70
C ASN A 136 3.89 4.59 6.28
N VAL A 137 3.38 4.43 5.08
CA VAL A 137 2.28 5.25 4.60
C VAL A 137 1.02 5.00 5.46
N TRP A 138 0.75 3.74 5.71
CA TRP A 138 -0.41 3.32 6.48
C TRP A 138 -0.39 3.97 7.86
N THR A 139 0.77 3.90 8.52
CA THR A 139 0.91 4.45 9.83
C THR A 139 0.84 5.98 9.82
N ALA A 140 1.42 6.59 8.79
CA ALA A 140 1.36 8.05 8.66
C ALA A 140 -0.11 8.52 8.53
N LEU A 141 -0.88 7.79 7.74
CA LEU A 141 -2.31 8.08 7.57
C LEU A 141 -3.05 7.93 8.91
N ALA A 142 -2.72 6.90 9.68
CA ALA A 142 -3.37 6.70 10.97
C ALA A 142 -3.07 7.89 11.88
N GLU A 143 -1.88 8.46 11.78
CA GLU A 143 -1.54 9.61 12.60
CA GLU A 143 -1.53 9.62 12.58
C GLU A 143 -2.38 10.85 12.24
N LEU A 144 -2.82 10.93 10.99
CA LEU A 144 -3.76 11.99 10.58
C LEU A 144 -5.20 11.70 11.02
N GLY A 145 -5.43 10.55 11.63
CA GLY A 145 -6.77 10.14 12.07
C GLY A 145 -7.57 9.41 11.01
N LEU A 146 -6.90 9.04 9.91
CA LEU A 146 -7.51 8.29 8.82
C LEU A 146 -7.23 6.81 8.96
N GLY A 147 -8.17 5.99 8.56
CA GLY A 147 -7.99 4.55 8.58
C GLY A 147 -7.64 4.04 7.21
N ALA A 148 -7.18 2.80 7.16
CA ALA A 148 -6.84 2.17 5.90
C ALA A 148 -6.85 0.67 6.03
N ASN A 149 -6.92 -0.01 4.89
CA ASN A 149 -6.76 -1.47 4.82
C ASN A 149 -5.99 -1.81 3.54
N LEU A 150 -5.27 -2.91 3.58
CA LEU A 150 -4.37 -3.29 2.51
C LEU A 150 -4.89 -4.51 1.75
N GLN A 151 -5.16 -4.31 0.46
CA GLN A 151 -5.71 -5.32 -0.41
C GLN A 151 -4.72 -5.75 -1.46
N HIS A 152 -5.01 -6.91 -2.06
CA HIS A 152 -4.18 -7.54 -3.08
C HIS A 152 -5.01 -8.11 -4.22
N TYR A 153 -5.43 -7.22 -5.11
CA TYR A 153 -6.15 -7.60 -6.33
C TYR A 153 -5.20 -7.65 -7.52
N ASN A 154 -3.90 -7.47 -7.26
CA ASN A 154 -2.84 -7.83 -8.20
C ASN A 154 -2.69 -9.36 -8.18
N PRO A 155 -2.38 -9.98 -9.35
CA PRO A 155 -2.12 -9.34 -10.64
C PRO A 155 -3.36 -9.14 -11.51
N LEU A 156 -4.54 -9.43 -10.99
CA LEU A 156 -5.77 -9.42 -11.78
C LEU A 156 -6.02 -8.07 -12.46
N ILE A 157 -5.78 -6.99 -11.72
CA ILE A 157 -6.12 -5.65 -12.19
C ILE A 157 -4.95 -4.90 -12.81
N ASP A 158 -3.79 -5.52 -12.87
CA ASP A 158 -2.55 -4.83 -13.27
C ASP A 158 -2.65 -4.15 -14.64
N GLU A 159 -3.07 -4.92 -15.65
CA GLU A 159 -3.17 -4.42 -17.03
C GLU A 159 -4.12 -3.23 -17.14
N ALA A 160 -5.29 -3.34 -16.51
CA ALA A 160 -6.33 -2.32 -16.65
C ALA A 160 -5.90 -1.03 -15.97
N VAL A 161 -5.21 -1.18 -14.83
CA VAL A 161 -4.73 -0.03 -14.10
C VAL A 161 -3.65 0.67 -14.92
N ALA A 162 -2.72 -0.09 -15.47
CA ALA A 162 -1.61 0.51 -16.24
C ALA A 162 -2.13 1.25 -17.47
N LYS A 163 -3.16 0.71 -18.11
CA LYS A 163 -3.74 1.34 -19.29
C LYS A 163 -4.51 2.61 -18.93
N GLU A 164 -5.37 2.51 -17.92
CA GLU A 164 -6.21 3.64 -17.56
C GLU A 164 -5.38 4.87 -17.12
N TRP A 165 -4.30 4.64 -16.38
CA TRP A 165 -3.49 5.74 -15.86
C TRP A 165 -2.12 5.84 -16.52
N ASN A 166 -1.95 5.15 -17.66
CA ASN A 166 -0.76 5.34 -18.49
C ASN A 166 0.52 5.10 -17.73
N LEU A 167 0.57 3.99 -17.02
CA LEU A 167 1.72 3.65 -16.21
C LEU A 167 2.77 2.92 -17.05
N PRO A 168 4.05 3.11 -16.70
CA PRO A 168 5.12 2.33 -17.35
C PRO A 168 4.94 0.84 -17.14
N GLU A 169 5.32 0.07 -18.15
CA GLU A 169 5.23 -1.39 -18.09
C GLU A 169 6.07 -1.93 -16.94
N SER A 170 7.10 -1.19 -16.54
CA SER A 170 8.05 -1.64 -15.53
C SER A 170 7.50 -1.57 -14.10
N TRP A 171 6.38 -0.86 -13.91
CA TRP A 171 5.75 -0.78 -12.60
C TRP A 171 4.96 -2.06 -12.27
N LYS A 172 5.45 -2.81 -11.30
CA LYS A 172 4.83 -4.09 -10.92
C LYS A 172 3.99 -3.88 -9.67
N LEU A 173 2.68 -4.02 -9.82
CA LEU A 173 1.75 -3.74 -8.73
C LEU A 173 1.93 -4.73 -7.60
N ARG A 174 2.02 -4.23 -6.37
CA ARG A 174 2.20 -5.08 -5.18
C ARG A 174 1.08 -5.05 -4.14
N GLY A 175 0.32 -3.99 -4.07
CA GLY A 175 -0.64 -3.82 -2.99
C GLY A 175 -1.49 -2.58 -3.23
N GLN A 176 -2.68 -2.55 -2.63
CA GLN A 176 -3.58 -1.42 -2.75
C GLN A 176 -4.07 -1.02 -1.37
N LEU A 177 -3.65 0.15 -0.93
CA LEU A 177 -3.99 0.64 0.40
C LEU A 177 -5.20 1.57 0.27
N VAL A 178 -6.36 1.07 0.66
CA VAL A 178 -7.62 1.78 0.66
C VAL A 178 -7.69 2.60 1.95
N PHE A 179 -8.02 3.89 1.83
CA PHE A 179 -7.95 4.80 2.97
C PHE A 179 -9.09 5.79 2.99
N GLY A 180 -9.40 6.27 4.19
CA GLY A 180 -10.47 7.24 4.35
C GLY A 180 -10.76 7.54 5.80
N SER A 181 -11.87 8.20 6.04
CA SER A 181 -12.28 8.47 7.40
C SER A 181 -12.72 7.20 8.09
N ILE A 182 -12.43 7.11 9.38
CA ILE A 182 -12.79 5.92 10.16
C ILE A 182 -14.27 5.98 10.54
N GLU A 183 -15.02 4.96 10.11
CA GLU A 183 -16.47 4.94 10.35
C GLU A 183 -16.89 3.85 11.33
N ALA A 184 -15.96 2.96 11.65
CA ALA A 184 -16.16 1.99 12.72
C ALA A 184 -14.77 1.56 13.21
N PRO A 185 -14.66 1.18 14.48
CA PRO A 185 -13.39 0.82 15.08
C PRO A 185 -12.82 -0.48 14.51
N ALA A 186 -11.51 -0.63 14.63
CA ALA A 186 -10.85 -1.88 14.31
C ALA A 186 -11.41 -3.02 15.15
N GLY A 187 -11.30 -4.23 14.61
CA GLY A 187 -11.66 -5.40 15.37
C GLY A 187 -10.64 -5.80 16.42
N GLU A 188 -10.89 -6.94 17.05
CA GLU A 188 -9.99 -7.48 18.05
C GLU A 188 -8.80 -8.11 17.36
N LYS A 189 -7.67 -8.13 18.05
CA LYS A 189 -6.44 -8.71 17.52
C LYS A 189 -5.66 -9.36 18.64
N THR A 190 -5.17 -10.55 18.39
CA THR A 190 -4.34 -11.27 19.34
C THR A 190 -2.86 -11.18 18.94
N PHE A 191 -2.00 -11.59 19.86
CA PHE A 191 -0.54 -11.57 19.68
C PHE A 191 0.00 -12.91 20.15
N MET A 192 1.05 -13.38 19.48
CA MET A 192 1.79 -14.56 19.92
C MET A 192 2.40 -14.33 21.29
N ASP A 193 2.74 -15.43 21.94
CA ASP A 193 3.59 -15.43 23.11
C ASP A 193 4.98 -14.92 22.71
N ASP A 194 5.45 -13.91 23.43
CA ASP A 194 6.83 -13.40 23.23
C ASP A 194 7.86 -14.55 23.20
N ALA A 195 7.68 -15.57 24.05
CA ALA A 195 8.67 -16.63 24.19
C ALA A 195 8.84 -17.41 22.91
N ASP A 196 7.81 -17.39 22.05
CA ASP A 196 7.86 -18.12 20.78
C ASP A 196 8.48 -17.33 19.61
N ARG A 197 8.76 -16.04 19.78
CA ARG A 197 9.33 -15.28 18.66
C ARG A 197 10.52 -14.39 19.01
N PHE A 198 10.86 -14.26 20.29
CA PHE A 198 12.01 -13.47 20.70
C PHE A 198 12.94 -14.27 21.59
N ILE A 199 14.21 -14.36 21.18
CA ILE A 199 15.23 -14.99 21.98
C ILE A 199 16.31 -13.93 22.20
N VAL A 200 16.66 -13.71 23.46
CA VAL A 200 17.68 -12.75 23.85
C VAL A 200 18.84 -13.51 24.45
N ALA A 201 20.03 -13.23 23.94
CA ALA A 201 21.25 -13.88 24.43
C ALA A 201 22.35 -12.85 24.67
N LYS A 202 23.16 -13.09 25.69
CA LYS A 202 24.20 -12.15 26.12
C LYS A 202 25.60 -12.76 25.96
#